data_5AOI
#
_entry.id   5AOI
#
_cell.length_a   64.821
_cell.length_b   71.178
_cell.length_c   104.808
_cell.angle_alpha   90.00
_cell.angle_beta   90.00
_cell.angle_gamma   90.00
#
_symmetry.space_group_name_H-M   'P 21 21 21'
#
loop_
_entity.id
_entity.type
_entity.pdbx_description
1 polymer 'CELLULAR TUMOR ANTIGEN P53'
2 non-polymer 'ZINC ION'
3 non-polymer DI(HYDROXYETHYL)ETHER
4 non-polymer 2-(5-BROMO-7-ETHYL-2-METHYL-1H-INDOLE-3-YL)ETHAN-1-AMIN
5 water water
#
_entity_poly.entity_id   1
_entity_poly.type   'polypeptide(L)'
_entity_poly.pdbx_seq_one_letter_code
;SSSVPSQKTYQGSYGFRLGFLHSGTAKSVTCTYSPALNKLFCQLAKTCPVQLWVDSTPPPGTRVRAMAIYKQSQHMTEVV
RRCPHHERCSDSDGLAPPQHLIRVEGNLRAEYLDDRNTFRHSVVVPCEPPEVGSDCTTIHYNYMCYSSCMGGMNRRPILT
IITLEDSSGNLLGRDSFEVRVCACPGRDRRTEEENLRKKGEPHHELPPGSTKRALPNNT
;
_entity_poly.pdbx_strand_id   A,B
#
loop_
_chem_comp.id
_chem_comp.type
_chem_comp.name
_chem_comp.formula
PEG non-polymer DI(HYDROXYETHYL)ETHER 'C4 H10 O3'
RZH non-polymer 2-(5-BROMO-7-ETHYL-2-METHYL-1H-INDOLE-3-YL)ETHAN-1-AMIN 'C13 H17 Br N2'
ZN non-polymer 'ZINC ION' 'Zn 2'
#
# COMPACT_ATOMS: atom_id res chain seq x y z
N SER A 3 13.22 -2.02 6.16
CA SER A 3 11.88 -1.48 6.26
C SER A 3 11.40 -0.88 4.94
N VAL A 4 10.14 -0.41 4.96
CA VAL A 4 9.49 0.14 3.78
C VAL A 4 8.69 1.39 4.15
N PRO A 5 9.04 2.54 3.55
CA PRO A 5 8.32 3.80 3.80
C PRO A 5 6.83 3.67 3.51
N SER A 6 5.98 4.31 4.30
CA SER A 6 4.54 4.26 4.05
C SER A 6 4.20 4.97 2.75
N GLN A 7 3.16 4.49 2.08
CA GLN A 7 2.67 5.13 0.87
C GLN A 7 1.21 5.52 1.02
N LYS A 8 0.73 5.49 2.25
CA LYS A 8 -0.67 5.80 2.54
C LYS A 8 -0.99 7.27 2.26
N THR A 9 -1.98 7.51 1.43
CA THR A 9 -2.43 8.88 1.13
C THR A 9 -2.95 9.52 2.43
N TYR A 10 -2.49 10.73 2.69
CA TYR A 10 -2.81 11.42 3.94
C TYR A 10 -2.83 12.93 3.72
N GLN A 11 -4.01 13.53 3.62
CA GLN A 11 -4.06 14.98 3.38
C GLN A 11 -3.63 15.79 4.60
N GLY A 12 -3.91 15.28 5.79
CA GLY A 12 -3.49 15.96 7.01
C GLY A 12 -4.19 17.29 7.24
N SER A 13 -3.70 18.06 8.20
CA SER A 13 -4.36 19.28 8.67
C SER A 13 -4.41 20.38 7.61
N TYR A 14 -3.48 20.33 6.66
CA TYR A 14 -3.39 21.40 5.67
C TYR A 14 -4.00 21.05 4.33
N GLY A 15 -4.58 19.85 4.24
CA GLY A 15 -5.28 19.43 3.03
C GLY A 15 -4.33 19.29 1.86
N PHE A 16 -3.20 18.63 2.13
CA PHE A 16 -2.12 18.47 1.16
C PHE A 16 -2.43 17.42 0.12
N ARG A 17 -2.25 17.76 -1.15
CA ARG A 17 -2.35 16.78 -2.23
C ARG A 17 -1.65 17.27 -3.48
N LEU A 18 -1.38 16.36 -4.41
CA LEU A 18 -0.65 16.72 -5.62
C LEU A 18 -1.60 17.09 -6.73
N GLY A 19 -1.06 17.73 -7.77
CA GLY A 19 -1.80 17.98 -8.99
C GLY A 19 -0.86 17.85 -10.16
N PHE A 20 -1.40 17.49 -11.31
CA PHE A 20 -0.58 17.31 -12.50
C PHE A 20 -1.17 18.07 -13.67
N LEU A 21 -0.31 18.57 -14.55
CA LEU A 21 -0.80 19.21 -15.77
C LEU A 21 -1.51 18.20 -16.67
N HIS A 22 -2.23 18.71 -17.67
CA HIS A 22 -2.86 17.86 -18.67
C HIS A 22 -2.10 18.00 -19.97
N SER A 23 -1.12 17.13 -20.17
CA SER A 23 -0.18 17.28 -21.27
C SER A 23 -0.55 16.48 -22.53
N GLY A 24 -1.54 15.61 -22.42
CA GLY A 24 -1.95 14.82 -23.57
C GLY A 24 -1.03 13.65 -23.86
N THR A 25 -1.24 12.98 -24.99
CA THR A 25 -0.51 11.75 -25.29
C THR A 25 0.11 11.74 -26.68
N ALA A 26 0.39 12.92 -27.22
CA ALA A 26 1.07 13.03 -28.51
C ALA A 26 2.41 12.31 -28.46
N LYS A 27 2.85 11.83 -29.61
CA LYS A 27 4.12 11.10 -29.72
C LYS A 27 5.29 11.93 -29.21
N SER A 28 5.15 13.25 -29.26
CA SER A 28 6.26 14.15 -28.91
C SER A 28 6.27 14.61 -27.45
N VAL A 29 5.28 14.20 -26.67
CA VAL A 29 5.19 14.66 -25.28
C VAL A 29 6.32 14.06 -24.43
N THR A 30 6.84 14.84 -23.48
CA THR A 30 8.02 14.41 -22.72
C THR A 30 7.66 13.95 -21.30
N CYS A 31 6.50 14.38 -20.84
CA CYS A 31 6.00 14.06 -19.51
C CYS A 31 4.49 14.10 -19.57
N THR A 32 3.84 13.00 -19.18
CA THR A 32 2.38 13.03 -19.16
C THR A 32 1.84 12.18 -18.02
N TYR A 33 0.74 12.63 -17.42
CA TYR A 33 0.18 11.98 -16.25
C TYR A 33 -1.14 11.31 -16.57
N SER A 34 -1.30 10.07 -16.14
CA SER A 34 -2.56 9.35 -16.26
C SER A 34 -3.30 9.26 -14.94
N PRO A 35 -4.43 9.99 -14.81
CA PRO A 35 -5.24 9.89 -13.60
C PRO A 35 -5.83 8.49 -13.42
N ALA A 36 -6.20 7.85 -14.52
CA ALA A 36 -6.83 6.53 -14.42
C ALA A 36 -5.85 5.50 -13.85
N LEU A 37 -4.57 5.68 -14.12
CA LEU A 37 -3.54 4.77 -13.62
C LEU A 37 -2.79 5.31 -12.39
N ASN A 38 -3.05 6.58 -12.05
CA ASN A 38 -2.21 7.34 -11.10
C ASN A 38 -0.75 7.12 -11.41
N LYS A 39 -0.38 7.40 -12.65
CA LYS A 39 0.93 7.06 -13.14
C LYS A 39 1.49 8.18 -14.02
N LEU A 40 2.71 8.61 -13.72
CA LEU A 40 3.42 9.59 -14.52
C LEU A 40 4.34 8.88 -15.50
N PHE A 41 4.30 9.27 -16.77
CA PHE A 41 5.17 8.72 -17.81
C PHE A 41 6.10 9.84 -18.27
N CYS A 42 7.40 9.62 -18.22
CA CYS A 42 8.31 10.72 -18.58
C CYS A 42 9.57 10.23 -19.26
N GLN A 43 10.20 11.11 -20.02
CA GLN A 43 11.48 10.78 -20.63
C GLN A 43 12.60 10.99 -19.65
N LEU A 44 13.75 10.39 -19.95
CA LEU A 44 14.92 10.47 -19.11
C LEU A 44 15.41 11.90 -18.91
N ALA A 45 15.55 12.30 -17.65
CA ALA A 45 16.09 13.60 -17.25
C ALA A 45 15.32 14.79 -17.81
N LYS A 46 14.05 14.59 -18.18
CA LYS A 46 13.21 15.72 -18.60
C LYS A 46 12.39 16.26 -17.44
N THR A 47 12.01 17.52 -17.56
CA THR A 47 11.21 18.20 -16.53
C THR A 47 9.85 17.53 -16.28
N CYS A 48 9.60 17.22 -15.00
CA CYS A 48 8.29 16.72 -14.57
C CYS A 48 7.68 17.67 -13.58
N PRO A 49 6.77 18.51 -14.06
CA PRO A 49 6.10 19.47 -13.17
C PRO A 49 5.08 18.76 -12.30
N VAL A 50 5.21 18.96 -11.00
CA VAL A 50 4.29 18.42 -10.03
C VAL A 50 3.75 19.56 -9.18
N GLN A 51 2.43 19.74 -9.18
CA GLN A 51 1.82 20.79 -8.37
C GLN A 51 1.63 20.37 -6.93
N LEU A 52 1.81 21.32 -6.01
CA LEU A 52 1.50 21.10 -4.60
C LEU A 52 0.29 21.95 -4.23
N TRP A 53 -0.77 21.31 -3.75
CA TRP A 53 -1.98 22.00 -3.33
C TRP A 53 -2.21 21.85 -1.84
N VAL A 54 -2.60 22.94 -1.17
CA VAL A 54 -3.00 22.87 0.22
C VAL A 54 -4.26 23.72 0.43
N ASP A 55 -5.07 23.34 1.41
CA ASP A 55 -6.25 24.13 1.78
C ASP A 55 -5.90 25.30 2.68
N SER A 56 -4.81 25.17 3.42
CA SER A 56 -4.36 26.28 4.26
C SER A 56 -2.84 26.28 4.30
N THR A 57 -2.26 27.44 4.58
CA THR A 57 -0.81 27.60 4.53
C THR A 57 -0.12 26.92 5.71
N PRO A 58 0.83 26.04 5.41
CA PRO A 58 1.60 25.37 6.46
C PRO A 58 2.57 26.34 7.11
N PRO A 59 3.08 26.01 8.31
CA PRO A 59 4.02 26.88 9.02
C PRO A 59 5.33 27.11 8.28
N PRO A 60 5.97 28.27 8.54
CA PRO A 60 7.32 28.49 7.99
C PRO A 60 8.23 27.34 8.43
N GLY A 61 9.04 26.82 7.52
CA GLY A 61 9.93 25.70 7.85
C GLY A 61 9.40 24.35 7.38
N THR A 62 8.16 24.34 6.88
CA THR A 62 7.61 23.13 6.31
C THR A 62 8.40 22.79 5.05
N ARG A 63 8.59 21.49 4.80
CA ARG A 63 9.34 21.07 3.62
C ARG A 63 8.59 20.00 2.86
N VAL A 64 9.05 19.72 1.65
CA VAL A 64 8.43 18.73 0.78
C VAL A 64 9.50 17.75 0.31
N ARG A 65 9.31 16.47 0.61
CA ARG A 65 10.31 15.45 0.29
C ARG A 65 9.80 14.51 -0.78
N ALA A 66 10.69 14.10 -1.69
CA ALA A 66 10.34 13.08 -2.68
C ALA A 66 11.26 11.88 -2.49
N MET A 67 10.67 10.69 -2.58
CA MET A 67 11.41 9.43 -2.46
C MET A 67 10.80 8.37 -3.36
N ALA A 68 11.64 7.52 -3.94
CA ALA A 68 11.15 6.44 -4.78
C ALA A 68 11.24 5.10 -4.05
N ILE A 69 10.24 4.25 -4.22
CA ILE A 69 10.31 2.87 -3.76
C ILE A 69 9.84 1.96 -4.89
N TYR A 70 10.23 0.70 -4.84
CA TYR A 70 9.69 -0.26 -5.80
C TYR A 70 8.25 -0.57 -5.43
N LYS A 71 7.39 -0.66 -6.44
CA LYS A 71 5.97 -0.88 -6.23
C LYS A 71 5.62 -2.30 -5.82
N GLN A 72 6.31 -3.28 -6.40
CA GLN A 72 6.05 -4.68 -6.11
C GLN A 72 6.58 -5.07 -4.73
N SER A 73 5.77 -5.78 -3.96
CA SER A 73 6.13 -6.15 -2.59
CA SER A 73 6.15 -6.13 -2.59
C SER A 73 7.43 -6.95 -2.52
N GLN A 74 7.68 -7.73 -3.56
CA GLN A 74 8.90 -8.56 -3.64
C GLN A 74 10.17 -7.72 -3.64
N HIS A 75 10.04 -6.44 -4.00
CA HIS A 75 11.20 -5.58 -4.17
C HIS A 75 11.20 -4.34 -3.29
N MET A 76 10.17 -4.18 -2.45
CA MET A 76 10.01 -2.95 -1.67
C MET A 76 11.17 -2.66 -0.74
N THR A 77 11.87 -3.70 -0.28
CA THR A 77 12.96 -3.51 0.66
C THR A 77 14.22 -3.04 -0.05
N GLU A 78 14.22 -3.14 -1.37
CA GLU A 78 15.41 -2.74 -2.13
C GLU A 78 15.47 -1.23 -2.38
N VAL A 79 16.61 -0.62 -2.07
CA VAL A 79 16.79 0.81 -2.31
C VAL A 79 16.73 1.11 -3.81
N VAL A 80 15.86 2.05 -4.19
CA VAL A 80 15.80 2.53 -5.56
C VAL A 80 16.99 3.46 -5.80
N ARG A 81 17.83 3.11 -6.77
CA ARG A 81 18.99 3.93 -7.07
C ARG A 81 19.25 3.93 -8.56
N ARG A 82 20.16 4.80 -9.00
CA ARG A 82 20.57 4.81 -10.40
C ARG A 82 21.41 3.58 -10.73
N CYS A 83 21.37 3.15 -12.00
CA CYS A 83 22.03 1.93 -12.46
C CYS A 83 23.55 2.11 -12.51
N PRO A 84 24.30 1.01 -12.67
CA PRO A 84 25.76 1.13 -12.65
C PRO A 84 26.31 2.06 -13.74
N HIS A 85 25.57 2.22 -14.85
CA HIS A 85 25.98 3.13 -15.90
C HIS A 85 25.71 4.59 -15.54
N HIS A 86 24.47 4.91 -15.19
CA HIS A 86 24.13 6.33 -15.01
C HIS A 86 24.77 6.93 -13.76
N GLU A 87 25.02 6.12 -12.73
CA GLU A 87 25.68 6.66 -11.55
C GLU A 87 27.12 7.10 -11.86
N ARG A 88 27.65 6.69 -13.00
CA ARG A 88 29.03 7.03 -13.37
C ARG A 88 29.14 7.93 -14.61
N CYS A 89 28.04 8.50 -15.07
N CYS A 89 28.03 8.51 -15.04
CA CYS A 89 28.12 9.23 -16.34
CA CYS A 89 27.98 9.28 -16.28
C CYS A 89 28.38 10.74 -16.15
C CYS A 89 28.53 10.69 -16.16
N SER A 90 28.70 11.14 -14.92
CA SER A 90 29.18 12.49 -14.64
C SER A 90 28.23 13.56 -15.19
N ASP A 91 26.97 13.45 -14.83
CA ASP A 91 25.97 14.42 -15.26
C ASP A 91 25.44 15.18 -14.05
N SER A 92 26.28 15.33 -13.04
CA SER A 92 25.85 15.97 -11.80
C SER A 92 25.51 17.44 -12.05
N ASP A 93 24.52 17.93 -11.33
CA ASP A 93 24.17 19.35 -11.38
C ASP A 93 24.94 20.11 -10.31
N GLY A 94 25.91 19.44 -9.71
CA GLY A 94 26.72 20.03 -8.66
C GLY A 94 26.12 19.89 -7.26
N LEU A 95 24.88 19.40 -7.19
CA LEU A 95 24.18 19.32 -5.92
C LEU A 95 23.65 17.90 -5.64
N ALA A 96 23.06 17.27 -6.66
CA ALA A 96 22.55 15.92 -6.51
C ALA A 96 23.70 14.89 -6.51
N PRO A 97 23.69 13.97 -5.55
CA PRO A 97 24.67 12.88 -5.64
C PRO A 97 24.37 12.05 -6.87
N PRO A 98 25.41 11.56 -7.56
CA PRO A 98 25.23 10.81 -8.81
C PRO A 98 24.40 9.55 -8.63
N GLN A 99 24.26 9.05 -7.41
CA GLN A 99 23.46 7.83 -7.19
C GLN A 99 21.95 8.07 -7.19
N HIS A 100 21.54 9.31 -6.94
CA HIS A 100 20.10 9.59 -6.74
C HIS A 100 19.28 9.58 -8.02
N LEU A 101 18.19 8.83 -8.01
CA LEU A 101 17.29 8.76 -9.15
C LEU A 101 16.53 10.07 -9.34
N ILE A 102 15.99 10.61 -8.24
CA ILE A 102 15.16 11.80 -8.34
C ILE A 102 15.94 13.07 -8.01
N ARG A 103 15.92 14.04 -8.93
CA ARG A 103 16.47 15.36 -8.67
C ARG A 103 15.39 16.43 -8.71
N VAL A 104 15.66 17.55 -8.04
CA VAL A 104 14.85 18.75 -8.20
C VAL A 104 15.60 19.72 -9.10
N GLU A 105 14.92 20.16 -10.14
CA GLU A 105 15.44 21.18 -11.06
C GLU A 105 15.32 22.60 -10.52
N GLY A 106 16.38 23.39 -10.69
CA GLY A 106 16.33 24.82 -10.49
C GLY A 106 15.89 25.31 -9.11
N ASN A 107 16.33 24.61 -8.07
CA ASN A 107 16.09 25.06 -6.71
C ASN A 107 17.37 24.90 -5.89
N LEU A 108 18.04 25.99 -5.60
CA LEU A 108 19.34 25.88 -4.93
C LEU A 108 19.22 25.53 -3.46
N ARG A 109 17.99 25.47 -2.94
CA ARG A 109 17.78 25.11 -1.54
C ARG A 109 17.39 23.65 -1.39
N ALA A 110 17.45 22.90 -2.50
CA ALA A 110 17.19 21.47 -2.45
C ALA A 110 18.28 20.77 -1.64
N GLU A 111 17.87 19.84 -0.79
CA GLU A 111 18.83 19.04 -0.05
CA GLU A 111 18.81 19.03 0.00
C GLU A 111 18.66 17.56 -0.37
N TYR A 112 19.77 16.86 -0.51
CA TYR A 112 19.71 15.45 -0.86
C TYR A 112 20.12 14.60 0.33
N LEU A 113 19.27 13.66 0.71
CA LEU A 113 19.55 12.83 1.86
C LEU A 113 19.90 11.38 1.47
N ASP A 114 21.00 10.89 2.03
CA ASP A 114 21.27 9.45 2.09
C ASP A 114 20.98 9.03 3.52
N ASP A 115 19.87 8.32 3.73
CA ASP A 115 19.45 7.98 5.08
C ASP A 115 20.49 7.11 5.77
N ARG A 116 20.96 7.52 6.95
CA ARG A 116 22.04 6.80 7.62
C ARG A 116 21.59 5.41 8.07
N ASN A 117 20.29 5.21 8.20
CA ASN A 117 19.76 3.93 8.67
C ASN A 117 19.21 3.04 7.56
N THR A 118 18.39 3.61 6.69
CA THR A 118 17.74 2.83 5.64
C THR A 118 18.52 2.84 4.33
N PHE A 119 19.48 3.76 4.22
CA PHE A 119 20.27 3.95 3.01
C PHE A 119 19.44 4.42 1.82
N ARG A 120 18.17 4.74 2.06
CA ARG A 120 17.31 5.24 0.98
C ARG A 120 17.65 6.68 0.64
N HIS A 121 17.37 7.06 -0.61
CA HIS A 121 17.66 8.40 -1.11
C HIS A 121 16.39 9.24 -1.14
N SER A 122 16.53 10.52 -0.84
CA SER A 122 15.41 11.45 -1.05
C SER A 122 15.91 12.84 -1.34
N VAL A 123 15.03 13.67 -1.89
CA VAL A 123 15.39 15.07 -2.11
C VAL A 123 14.30 15.92 -1.49
N VAL A 124 14.72 16.97 -0.75
CA VAL A 124 13.75 17.77 0.01
C VAL A 124 13.94 19.28 -0.25
N VAL A 125 12.84 20.01 -0.33
CA VAL A 125 12.91 21.44 -0.59
C VAL A 125 11.99 22.15 0.38
N PRO A 126 12.27 23.43 0.63
CA PRO A 126 11.32 24.22 1.44
C PRO A 126 9.99 24.35 0.73
N CYS A 127 8.89 24.22 1.47
CA CYS A 127 7.56 24.41 0.90
C CYS A 127 7.28 25.90 0.74
N GLU A 128 7.19 26.34 -0.51
CA GLU A 128 7.01 27.76 -0.81
C GLU A 128 5.55 28.09 -1.09
N PRO A 129 5.10 29.28 -0.67
CA PRO A 129 3.73 29.71 -1.00
C PRO A 129 3.60 29.99 -2.49
N PRO A 130 2.38 29.89 -3.03
CA PRO A 130 2.21 30.20 -4.46
C PRO A 130 2.61 31.64 -4.76
N GLU A 131 3.09 31.90 -5.97
CA GLU A 131 3.38 33.25 -6.39
C GLU A 131 2.05 33.98 -6.59
N VAL A 132 2.09 35.31 -6.49
CA VAL A 132 0.87 36.10 -6.62
C VAL A 132 0.19 35.80 -7.94
N GLY A 133 -1.12 35.55 -7.89
CA GLY A 133 -1.87 35.21 -9.08
C GLY A 133 -1.93 33.72 -9.34
N SER A 134 -1.25 32.95 -8.50
CA SER A 134 -1.28 31.50 -8.62
C SER A 134 -1.95 30.87 -7.41
N ASP A 135 -2.52 29.69 -7.61
CA ASP A 135 -3.24 28.98 -6.56
C ASP A 135 -2.49 27.78 -6.01
N CYS A 136 -1.35 27.46 -6.60
CA CYS A 136 -0.55 26.34 -6.13
C CYS A 136 0.90 26.62 -6.40
N THR A 137 1.77 25.76 -5.86
CA THR A 137 3.17 25.85 -6.17
CA THR A 137 3.20 25.82 -6.11
C THR A 137 3.60 24.61 -6.96
N THR A 138 4.59 24.77 -7.82
CA THR A 138 5.02 23.67 -8.68
C THR A 138 6.47 23.33 -8.37
N ILE A 139 6.75 22.05 -8.24
CA ILE A 139 8.13 21.56 -8.10
C ILE A 139 8.48 20.87 -9.40
N HIS A 140 9.69 21.09 -9.90
CA HIS A 140 10.09 20.46 -11.14
C HIS A 140 11.07 19.31 -10.83
N TYR A 141 10.65 18.08 -11.13
CA TYR A 141 11.50 16.92 -10.84
C TYR A 141 12.13 16.36 -12.12
N ASN A 142 13.28 15.69 -11.96
CA ASN A 142 13.89 14.91 -13.04
C ASN A 142 14.11 13.49 -12.57
N TYR A 143 13.81 12.52 -13.42
CA TYR A 143 14.15 11.12 -13.15
C TYR A 143 15.35 10.73 -14.02
N MET A 144 16.42 10.26 -13.38
CA MET A 144 17.73 10.20 -14.00
C MET A 144 18.13 8.80 -14.44
N CYS A 145 17.17 7.89 -14.43
CA CYS A 145 17.37 6.54 -14.99
C CYS A 145 16.12 6.11 -15.72
N TYR A 146 16.28 5.23 -16.71
CA TYR A 146 15.12 4.59 -17.33
C TYR A 146 14.57 3.49 -16.44
N SER A 147 13.25 3.25 -16.51
CA SER A 147 12.67 2.12 -15.79
C SER A 147 13.37 0.83 -16.21
N SER A 148 13.82 0.79 -17.45
CA SER A 148 14.44 -0.41 -18.02
C SER A 148 15.93 -0.59 -17.74
N CYS A 149 16.58 0.37 -17.07
CA CYS A 149 18.04 0.31 -16.94
C CYS A 149 18.50 -0.97 -16.24
N MET A 150 19.36 -1.72 -16.90
CA MET A 150 19.89 -2.96 -16.33
C MET A 150 20.74 -2.66 -15.10
N GLY A 151 20.63 -3.51 -14.10
CA GLY A 151 21.39 -3.34 -12.88
C GLY A 151 20.82 -2.22 -12.00
N GLY A 152 19.80 -1.53 -12.50
CA GLY A 152 19.12 -0.50 -11.73
C GLY A 152 17.68 -0.91 -11.54
N MET A 153 16.74 -0.05 -11.94
CA MET A 153 15.33 -0.42 -11.80
C MET A 153 14.99 -1.70 -12.57
N ASN A 154 15.69 -1.95 -13.67
CA ASN A 154 15.60 -3.25 -14.36
C ASN A 154 14.16 -3.67 -14.69
N ARG A 155 13.41 -2.74 -15.28
CA ARG A 155 12.02 -2.93 -15.71
C ARG A 155 11.01 -3.05 -14.56
N ARG A 156 11.45 -2.86 -13.33
CA ARG A 156 10.52 -2.89 -12.18
C ARG A 156 9.86 -1.52 -11.99
N PRO A 157 8.54 -1.51 -11.84
CA PRO A 157 7.81 -0.26 -11.61
C PRO A 157 8.16 0.35 -10.26
N ILE A 158 8.17 1.67 -10.20
CA ILE A 158 8.41 2.38 -8.95
C ILE A 158 7.27 3.32 -8.62
N LEU A 159 7.20 3.72 -7.36
CA LEU A 159 6.31 4.79 -6.92
C LEU A 159 7.18 5.93 -6.45
N THR A 160 6.71 7.15 -6.66
CA THR A 160 7.27 8.30 -6.01
C THR A 160 6.34 8.67 -4.86
N ILE A 161 6.92 8.83 -3.68
CA ILE A 161 6.18 9.24 -2.50
C ILE A 161 6.55 10.70 -2.18
N ILE A 162 5.54 11.56 -2.15
CA ILE A 162 5.75 12.96 -1.77
C ILE A 162 5.21 13.19 -0.39
N THR A 163 6.05 13.62 0.53
N THR A 163 6.06 13.69 0.50
CA THR A 163 5.57 13.93 1.87
CA THR A 163 5.68 13.92 1.89
C THR A 163 5.76 15.39 2.19
C THR A 163 5.82 15.39 2.27
N LEU A 164 4.76 15.93 2.88
CA LEU A 164 4.85 17.26 3.46
C LEU A 164 5.34 17.05 4.89
N GLU A 165 6.37 17.77 5.31
CA GLU A 165 7.04 17.51 6.60
C GLU A 165 7.18 18.79 7.41
N ASP A 166 7.16 18.69 8.73
CA ASP A 166 7.52 19.87 9.51
C ASP A 166 9.06 20.01 9.58
N SER A 167 9.54 21.01 10.30
CA SER A 167 10.97 21.30 10.29
C SER A 167 11.81 20.19 10.95
N SER A 168 11.15 19.33 11.73
CA SER A 168 11.81 18.16 12.34
C SER A 168 11.76 16.92 11.47
N GLY A 169 11.01 16.99 10.38
CA GLY A 169 10.84 15.82 9.52
C GLY A 169 9.61 14.98 9.84
N ASN A 170 8.78 15.43 10.78
CA ASN A 170 7.55 14.71 11.10
C ASN A 170 6.51 14.87 9.99
N LEU A 171 5.70 13.83 9.81
CA LEU A 171 4.70 13.79 8.74
C LEU A 171 3.59 14.83 8.89
N LEU A 172 3.35 15.62 7.85
CA LEU A 172 2.18 16.51 7.81
C LEU A 172 1.19 16.09 6.74
N GLY A 173 1.70 15.42 5.70
CA GLY A 173 0.85 15.06 4.57
C GLY A 173 1.61 14.11 3.68
N ARG A 174 0.87 13.28 2.92
CA ARG A 174 1.49 12.32 2.01
C ARG A 174 0.63 12.08 0.76
N ASP A 175 1.30 11.98 -0.39
CA ASP A 175 0.63 11.59 -1.62
C ASP A 175 1.65 10.78 -2.41
N SER A 176 1.22 10.09 -3.46
CA SER A 176 2.13 9.24 -4.20
C SER A 176 1.61 8.99 -5.62
N PHE A 177 2.50 8.56 -6.50
CA PHE A 177 2.11 8.22 -7.87
C PHE A 177 3.13 7.24 -8.42
N GLU A 178 2.66 6.36 -9.29
CA GLU A 178 3.58 5.46 -9.99
C GLU A 178 4.33 6.25 -11.07
N VAL A 179 5.53 5.79 -11.43
CA VAL A 179 6.32 6.45 -12.46
C VAL A 179 6.89 5.43 -13.43
N ARG A 180 6.79 5.73 -14.72
CA ARG A 180 7.52 4.99 -15.74
C ARG A 180 8.40 5.95 -16.50
N VAL A 181 9.71 5.71 -16.46
CA VAL A 181 10.65 6.54 -17.22
C VAL A 181 10.98 5.80 -18.51
N CYS A 182 10.62 6.39 -19.63
CA CYS A 182 10.65 5.67 -20.89
C CYS A 182 10.90 6.58 -22.09
N ALA A 183 11.14 5.98 -23.24
CA ALA A 183 11.43 6.74 -24.45
C ALA A 183 10.22 7.46 -25.03
N CYS A 184 9.06 6.83 -24.99
CA CYS A 184 7.86 7.43 -25.57
CA CYS A 184 7.86 7.42 -25.58
C CYS A 184 6.68 7.45 -24.60
N PRO A 185 6.66 8.46 -23.71
CA PRO A 185 5.60 8.59 -22.68
C PRO A 185 4.17 8.60 -23.23
N GLY A 186 3.92 9.31 -24.33
CA GLY A 186 2.59 9.40 -24.88
C GLY A 186 2.04 8.07 -25.34
N ARG A 187 2.87 7.33 -26.08
CA ARG A 187 2.50 6.00 -26.56
C ARG A 187 2.29 5.03 -25.40
N ASP A 188 3.20 5.01 -24.44
CA ASP A 188 3.08 4.06 -23.34
C ASP A 188 1.88 4.39 -22.44
N ARG A 189 1.57 5.66 -22.24
CA ARG A 189 0.35 6.02 -21.51
C ARG A 189 -0.89 5.50 -22.25
N ARG A 190 -0.93 5.74 -23.56
CA ARG A 190 -2.07 5.28 -24.36
C ARG A 190 -2.22 3.77 -24.31
N THR A 191 -1.10 3.06 -24.45
CA THR A 191 -1.10 1.60 -24.37
C THR A 191 -1.63 1.10 -23.03
N GLU A 192 -1.06 1.62 -21.93
CA GLU A 192 -1.42 1.13 -20.61
C GLU A 192 -2.86 1.50 -20.24
N GLU A 193 -3.33 2.66 -20.70
CA GLU A 193 -4.71 3.06 -20.41
C GLU A 193 -5.67 2.17 -21.19
N GLU A 194 -5.27 1.75 -22.38
CA GLU A 194 -6.12 0.84 -23.15
C GLU A 194 -6.17 -0.52 -22.47
N ASN A 195 -5.01 -1.04 -22.10
CA ASN A 195 -4.91 -2.28 -21.33
C ASN A 195 -5.82 -2.29 -20.11
N LEU A 196 -5.96 -1.13 -19.47
CA LEU A 196 -6.79 -1.01 -18.27
C LEU A 196 -8.28 -1.15 -18.59
N ARG A 197 -8.72 -0.55 -19.69
CA ARG A 197 -10.13 -0.54 -20.04
C ARG A 197 -10.53 -1.81 -20.79
N SER B 2 -1.13 -26.89 18.66
CA SER B 2 -1.65 -25.67 19.29
C SER B 2 -3.16 -25.74 19.48
N SER B 3 -3.65 -25.23 20.62
CA SER B 3 -5.09 -25.21 20.91
C SER B 3 -5.86 -24.38 19.88
N VAL B 4 -7.16 -24.66 19.74
CA VAL B 4 -7.98 -24.07 18.69
C VAL B 4 -8.81 -22.90 19.20
N PRO B 5 -8.55 -21.69 18.69
CA PRO B 5 -9.32 -20.50 19.07
C PRO B 5 -10.79 -20.66 18.71
N SER B 6 -11.68 -20.12 19.53
CA SER B 6 -13.11 -20.22 19.24
C SER B 6 -13.44 -19.45 17.98
N GLN B 7 -14.38 -19.95 17.20
CA GLN B 7 -14.88 -19.21 16.04
C GLN B 7 -16.35 -18.86 16.22
N LYS B 8 -16.85 -18.98 17.45
CA LYS B 8 -18.27 -18.76 17.71
C LYS B 8 -18.64 -17.30 17.60
N THR B 9 -19.63 -17.02 16.77
CA THR B 9 -20.14 -15.66 16.61
C THR B 9 -20.67 -15.14 17.93
N TYR B 10 -20.29 -13.91 18.26
CA TYR B 10 -20.60 -13.31 19.55
C TYR B 10 -20.66 -11.79 19.41
N GLN B 11 -21.86 -11.23 19.37
CA GLN B 11 -21.98 -9.79 19.16
C GLN B 11 -21.54 -8.99 20.36
N GLY B 12 -21.70 -9.55 21.55
CA GLY B 12 -21.29 -8.88 22.78
C GLY B 12 -22.07 -7.61 23.06
N SER B 13 -21.59 -6.84 24.03
CA SER B 13 -22.28 -5.67 24.53
C SER B 13 -22.45 -4.55 23.52
N TYR B 14 -21.52 -4.44 22.57
CA TYR B 14 -21.56 -3.34 21.61
C TYR B 14 -22.25 -3.72 20.29
N GLY B 15 -22.77 -4.94 20.21
CA GLY B 15 -23.46 -5.39 19.02
C GLY B 15 -22.54 -5.46 17.81
N PHE B 16 -21.41 -6.12 18.00
CA PHE B 16 -20.35 -6.16 16.99
C PHE B 16 -20.61 -7.20 15.93
N ARG B 17 -20.45 -6.80 14.66
CA ARG B 17 -20.50 -7.73 13.55
C ARG B 17 -19.80 -7.17 12.32
N LEU B 18 -19.45 -8.04 11.39
CA LEU B 18 -18.75 -7.62 10.18
C LEU B 18 -19.70 -7.25 9.06
N GLY B 19 -19.15 -6.55 8.08
CA GLY B 19 -19.84 -6.29 6.82
C GLY B 19 -18.85 -6.28 5.69
N PHE B 20 -19.36 -6.51 4.48
CA PHE B 20 -18.51 -6.58 3.30
C PHE B 20 -19.15 -5.77 2.17
N LEU B 21 -18.32 -5.19 1.32
CA LEU B 21 -18.83 -4.48 0.15
C LEU B 21 -19.51 -5.47 -0.79
N HIS B 22 -20.36 -4.97 -1.68
CA HIS B 22 -20.92 -5.81 -2.72
C HIS B 22 -20.17 -5.55 -4.01
N SER B 23 -19.13 -6.35 -4.26
CA SER B 23 -18.20 -6.09 -5.35
C SER B 23 -18.52 -6.85 -6.64
N GLY B 24 -19.45 -7.80 -6.56
CA GLY B 24 -19.86 -8.53 -7.74
C GLY B 24 -18.87 -9.62 -8.11
N THR B 25 -19.06 -10.22 -9.29
CA THR B 25 -18.26 -11.39 -9.68
C THR B 25 -17.59 -11.27 -11.05
N ALA B 26 -17.32 -10.04 -11.49
CA ALA B 26 -16.62 -9.84 -12.75
C ALA B 26 -15.23 -10.44 -12.67
N LYS B 27 -14.74 -11.03 -13.77
CA LYS B 27 -13.47 -11.74 -13.74
C LYS B 27 -12.30 -10.83 -13.35
N SER B 28 -12.52 -9.52 -13.40
CA SER B 28 -11.50 -8.56 -13.00
C SER B 28 -11.57 -8.14 -11.52
N VAL B 29 -12.51 -8.68 -10.76
CA VAL B 29 -12.66 -8.23 -9.38
C VAL B 29 -11.51 -8.80 -8.54
N THR B 30 -11.00 -8.02 -7.59
CA THR B 30 -9.83 -8.44 -6.80
C THR B 30 -10.24 -9.01 -5.45
N CYS B 31 -11.44 -8.67 -5.02
CA CYS B 31 -11.95 -9.14 -3.75
C CYS B 31 -13.46 -9.14 -3.81
N THR B 32 -14.09 -10.25 -3.45
CA THR B 32 -15.55 -10.30 -3.46
C THR B 32 -16.06 -11.26 -2.40
N TYR B 33 -17.14 -10.87 -1.75
CA TYR B 33 -17.67 -11.65 -0.64
C TYR B 33 -18.98 -12.35 -1.01
N SER B 34 -19.09 -13.62 -0.66
CA SER B 34 -20.33 -14.37 -0.83
C SER B 34 -21.12 -14.55 0.46
N PRO B 35 -22.27 -13.87 0.61
CA PRO B 35 -23.06 -14.08 1.82
C PRO B 35 -23.61 -15.49 1.93
N ALA B 36 -23.96 -16.11 0.81
CA ALA B 36 -24.51 -17.45 0.83
C ALA B 36 -23.50 -18.43 1.42
N LEU B 37 -22.23 -18.22 1.12
CA LEU B 37 -21.17 -19.10 1.57
C LEU B 37 -20.44 -18.63 2.84
N ASN B 38 -20.76 -17.41 3.29
CA ASN B 38 -19.96 -16.65 4.28
C ASN B 38 -18.49 -16.76 3.95
N LYS B 39 -18.14 -16.43 2.73
CA LYS B 39 -16.79 -16.69 2.24
C LYS B 39 -16.27 -15.53 1.40
N LEU B 40 -15.08 -15.04 1.76
CA LEU B 40 -14.40 -14.00 1.00
C LEU B 40 -13.44 -14.63 -0.02
N PHE B 41 -13.48 -14.14 -1.26
CA PHE B 41 -12.58 -14.58 -2.34
C PHE B 41 -11.71 -13.41 -2.72
N CYS B 42 -10.40 -13.58 -2.71
CA CYS B 42 -9.53 -12.45 -2.99
C CYS B 42 -8.26 -12.89 -3.69
N GLN B 43 -7.64 -11.94 -4.38
CA GLN B 43 -6.38 -12.19 -5.05
C GLN B 43 -5.25 -11.99 -4.07
N LEU B 44 -4.09 -12.55 -4.43
CA LEU B 44 -2.92 -12.48 -3.59
C LEU B 44 -2.50 -11.06 -3.27
N ALA B 45 -2.40 -10.75 -1.99
CA ALA B 45 -1.88 -9.47 -1.48
C ALA B 45 -2.66 -8.22 -1.93
N LYS B 46 -3.89 -8.41 -2.38
CA LYS B 46 -4.76 -7.31 -2.77
C LYS B 46 -5.59 -6.82 -1.57
N THR B 47 -6.07 -5.59 -1.65
CA THR B 47 -6.85 -4.99 -0.56
C THR B 47 -8.16 -5.72 -0.36
N CYS B 48 -8.41 -6.15 0.89
CA CYS B 48 -9.67 -6.77 1.30
C CYS B 48 -10.35 -5.90 2.33
N PRO B 49 -11.33 -5.11 1.91
CA PRO B 49 -12.05 -4.26 2.87
C PRO B 49 -12.98 -5.09 3.73
N VAL B 50 -12.87 -4.92 5.03
CA VAL B 50 -13.77 -5.57 5.99
C VAL B 50 -14.34 -4.48 6.87
N GLN B 51 -15.67 -4.39 6.91
CA GLN B 51 -16.36 -3.41 7.70
C GLN B 51 -16.58 -3.89 9.12
N LEU B 52 -16.40 -2.98 10.08
CA LEU B 52 -16.78 -3.24 11.46
C LEU B 52 -18.03 -2.46 11.81
N TRP B 53 -19.08 -3.16 12.21
CA TRP B 53 -20.34 -2.51 12.61
C TRP B 53 -20.59 -2.72 14.10
N VAL B 54 -21.02 -1.66 14.78
CA VAL B 54 -21.42 -1.78 16.17
C VAL B 54 -22.70 -1.00 16.44
N ASP B 55 -23.49 -1.47 17.40
CA ASP B 55 -24.71 -0.73 17.81
C ASP B 55 -24.40 0.44 18.73
N SER B 56 -23.31 0.34 19.49
CA SER B 56 -22.92 1.45 20.35
C SER B 56 -21.41 1.59 20.34
N THR B 57 -20.93 2.79 20.63
CA THR B 57 -19.51 3.10 20.51
C THR B 57 -18.71 2.46 21.64
N PRO B 58 -17.71 1.64 21.29
CA PRO B 58 -16.81 1.05 22.28
C PRO B 58 -15.82 2.08 22.80
N PRO B 59 -15.18 1.79 23.95
CA PRO B 59 -14.27 2.73 24.60
C PRO B 59 -12.98 3.01 23.82
N PRO B 60 -12.37 4.18 24.06
CA PRO B 60 -11.04 4.45 23.50
C PRO B 60 -10.09 3.35 23.94
N GLY B 61 -9.28 2.85 23.01
CA GLY B 61 -8.36 1.77 23.30
C GLY B 61 -8.86 0.41 22.87
N THR B 62 -10.12 0.33 22.44
CA THR B 62 -10.63 -0.89 21.85
C THR B 62 -9.84 -1.22 20.60
N ARG B 63 -9.55 -2.51 20.38
CA ARG B 63 -8.76 -2.93 19.24
C ARG B 63 -9.48 -4.04 18.47
N VAL B 64 -8.99 -4.33 17.27
CA VAL B 64 -9.59 -5.40 16.47
C VAL B 64 -8.46 -6.29 15.96
N ARG B 65 -8.63 -7.59 16.17
CA ARG B 65 -7.60 -8.60 15.86
C ARG B 65 -8.09 -9.55 14.79
N ALA B 66 -7.21 -9.92 13.87
CA ALA B 66 -7.53 -10.91 12.86
C ALA B 66 -6.62 -12.11 13.02
N MET B 67 -7.19 -13.32 12.92
CA MET B 67 -6.39 -14.54 13.00
C MET B 67 -6.97 -15.58 12.06
N ALA B 68 -6.11 -16.36 11.40
CA ALA B 68 -6.59 -17.40 10.51
C ALA B 68 -6.50 -18.77 11.20
N ILE B 69 -7.49 -19.64 11.00
CA ILE B 69 -7.40 -21.04 11.43
C ILE B 69 -7.88 -21.92 10.27
N TYR B 70 -7.43 -23.18 10.22
CA TYR B 70 -7.96 -24.11 9.23
C TYR B 70 -9.38 -24.51 9.57
N LYS B 71 -10.21 -24.62 8.53
CA LYS B 71 -11.63 -24.92 8.70
C LYS B 71 -11.88 -26.38 9.06
N GLN B 72 -11.18 -27.28 8.43
CA GLN B 72 -11.44 -28.71 8.62
C GLN B 72 -10.92 -29.23 9.96
N SER B 73 -11.75 -30.03 10.62
CA SER B 73 -11.43 -30.63 11.92
C SER B 73 -10.03 -31.23 11.96
N GLN B 74 -9.68 -31.86 10.85
CA GLN B 74 -8.40 -32.53 10.68
C GLN B 74 -7.20 -31.60 10.81
N HIS B 75 -7.39 -30.32 10.52
CA HIS B 75 -6.28 -29.38 10.40
C HIS B 75 -6.34 -28.22 11.38
N MET B 76 -7.43 -28.10 12.13
CA MET B 76 -7.62 -26.90 12.95
C MET B 76 -6.56 -26.70 14.03
N THR B 77 -5.88 -27.79 14.47
CA THR B 77 -4.86 -27.61 15.48
C THR B 77 -3.53 -27.13 14.88
N GLU B 78 -3.45 -27.10 13.56
CA GLU B 78 -2.23 -26.64 12.88
C GLU B 78 -2.21 -25.12 12.69
N VAL B 79 -1.09 -24.49 13.06
CA VAL B 79 -0.94 -23.05 12.86
C VAL B 79 -0.98 -22.68 11.38
N VAL B 80 -1.86 -21.75 11.02
CA VAL B 80 -1.93 -21.26 9.64
C VAL B 80 -0.75 -20.32 9.41
N ARG B 81 0.10 -20.63 8.44
CA ARG B 81 1.25 -19.79 8.19
C ARG B 81 1.54 -19.70 6.69
N ARG B 82 2.44 -18.79 6.32
CA ARG B 82 2.85 -18.71 4.93
C ARG B 82 3.72 -19.90 4.53
N CYS B 83 3.66 -20.24 3.23
CA CYS B 83 4.36 -21.39 2.68
C CYS B 83 5.86 -21.18 2.68
N PRO B 84 6.62 -22.26 2.43
CA PRO B 84 8.09 -22.17 2.41
C PRO B 84 8.66 -21.18 1.40
N HIS B 85 7.95 -20.97 0.29
CA HIS B 85 8.38 -19.96 -0.67
C HIS B 85 8.12 -18.52 -0.21
N HIS B 86 6.88 -18.20 0.13
CA HIS B 86 6.56 -16.81 0.44
C HIS B 86 7.19 -16.34 1.75
N GLU B 87 7.42 -17.24 2.70
CA GLU B 87 8.01 -16.79 3.96
C GLU B 87 9.45 -16.34 3.72
N ARG B 88 10.02 -16.73 2.59
CA ARG B 88 11.41 -16.38 2.25
C ARG B 88 11.56 -15.39 1.07
N CYS B 89 10.49 -14.75 0.63
N CYS B 89 10.47 -14.74 0.68
CA CYS B 89 10.61 -13.90 -0.56
CA CYS B 89 10.48 -13.86 -0.51
C CYS B 89 10.86 -12.43 -0.24
C CYS B 89 10.97 -12.45 -0.25
N SER B 90 11.22 -12.13 1.01
CA SER B 90 11.64 -10.78 1.42
C SER B 90 10.63 -9.70 1.01
N ASP B 91 9.35 -9.97 1.24
CA ASP B 91 8.33 -9.00 0.89
C ASP B 91 7.70 -8.37 2.14
N SER B 92 8.46 -8.32 3.23
CA SER B 92 7.98 -7.67 4.44
C SER B 92 7.80 -6.17 4.21
N ASP B 93 6.99 -5.54 5.05
CA ASP B 93 6.74 -4.10 4.95
C ASP B 93 7.41 -3.36 6.09
N GLY B 94 8.25 -4.08 6.83
CA GLY B 94 8.89 -3.52 8.01
C GLY B 94 8.18 -3.93 9.28
N LEU B 95 6.86 -4.14 9.19
CA LEU B 95 6.06 -4.45 10.38
C LEU B 95 5.67 -5.92 10.47
N ALA B 96 5.12 -6.48 9.39
CA ALA B 96 4.65 -7.86 9.42
C ALA B 96 5.81 -8.86 9.35
N PRO B 97 5.86 -9.81 10.30
CA PRO B 97 6.83 -10.90 10.15
C PRO B 97 6.52 -11.65 8.86
N PRO B 98 7.56 -12.17 8.20
CA PRO B 98 7.38 -12.82 6.90
C PRO B 98 6.56 -14.10 6.99
N GLN B 99 6.38 -14.65 8.18
CA GLN B 99 5.60 -15.88 8.32
C GLN B 99 4.09 -15.64 8.33
N HIS B 100 3.69 -14.40 8.58
CA HIS B 100 2.26 -14.10 8.80
C HIS B 100 1.45 -14.02 7.53
N LEU B 101 0.36 -14.79 7.49
CA LEU B 101 -0.55 -14.81 6.34
C LEU B 101 -1.28 -13.49 6.18
N ILE B 102 -1.82 -13.00 7.30
CA ILE B 102 -2.69 -11.83 7.26
C ILE B 102 -1.93 -10.55 7.64
N ARG B 103 -1.95 -9.56 6.75
CA ARG B 103 -1.43 -8.24 7.06
C ARG B 103 -2.55 -7.20 7.08
N VAL B 104 -2.34 -6.13 7.83
CA VAL B 104 -3.15 -4.92 7.68
C VAL B 104 -2.45 -3.92 6.78
N GLU B 105 -3.18 -3.45 5.77
CA GLU B 105 -2.65 -2.48 4.83
C GLU B 105 -2.87 -1.05 5.33
N GLY B 106 -1.82 -0.23 5.24
CA GLY B 106 -1.94 1.21 5.44
C GLY B 106 -2.33 1.67 6.84
N ASN B 107 -1.79 1.01 7.85
CA ASN B 107 -2.01 1.41 9.23
C ASN B 107 -0.71 1.21 10.01
N LEU B 108 -0.04 2.31 10.33
CA LEU B 108 1.26 2.22 11.02
C LEU B 108 1.14 1.78 12.47
N ARG B 109 -0.08 1.73 13.00
CA ARG B 109 -0.26 1.29 14.37
C ARG B 109 -0.59 -0.20 14.45
N ALA B 110 -0.55 -0.89 13.31
CA ALA B 110 -0.77 -2.34 13.30
C ALA B 110 0.31 -3.05 14.10
N GLU B 111 -0.10 -3.99 14.94
CA GLU B 111 0.85 -4.81 15.69
C GLU B 111 0.68 -6.29 15.35
N TYR B 112 1.79 -7.00 15.28
CA TYR B 112 1.78 -8.40 14.90
C TYR B 112 2.19 -9.26 16.07
N LEU B 113 1.38 -10.27 16.38
CA LEU B 113 1.66 -11.12 17.53
C LEU B 113 2.02 -12.54 17.11
N ASP B 114 3.13 -13.04 17.68
CA ASP B 114 3.40 -14.49 17.66
C ASP B 114 3.09 -15.00 19.05
N ASP B 115 1.99 -15.73 19.21
CA ASP B 115 1.56 -16.12 20.54
C ASP B 115 2.59 -17.04 21.21
N ARG B 116 3.09 -16.65 22.38
CA ARG B 116 4.20 -17.41 22.98
C ARG B 116 3.78 -18.78 23.47
N ASN B 117 2.48 -18.98 23.64
CA ASN B 117 1.97 -20.28 24.07
C ASN B 117 1.47 -21.14 22.93
N THR B 118 0.60 -20.58 22.09
CA THR B 118 -0.03 -21.32 21.00
C THR B 118 0.74 -21.23 19.68
N PHE B 119 1.67 -20.31 19.58
CA PHE B 119 2.43 -20.06 18.36
C PHE B 119 1.56 -19.58 17.18
N ARG B 120 0.31 -19.23 17.45
CA ARG B 120 -0.52 -18.68 16.37
C ARG B 120 -0.21 -17.22 16.08
N HIS B 121 -0.43 -16.82 14.82
CA HIS B 121 -0.17 -15.46 14.37
C HIS B 121 -1.45 -14.63 14.36
N SER B 122 -1.33 -13.36 14.70
CA SER B 122 -2.46 -12.46 14.50
C SER B 122 -1.96 -11.05 14.28
N VAL B 123 -2.84 -10.19 13.77
CA VAL B 123 -2.52 -8.80 13.58
C VAL B 123 -3.64 -7.97 14.20
N VAL B 124 -3.30 -6.93 14.95
CA VAL B 124 -4.29 -6.18 15.71
C VAL B 124 -4.07 -4.68 15.46
N VAL B 125 -5.15 -3.92 15.34
CA VAL B 125 -5.05 -2.48 15.14
C VAL B 125 -6.02 -1.79 16.07
N PRO B 126 -5.76 -0.52 16.37
CA PRO B 126 -6.74 0.21 17.17
C PRO B 126 -8.01 0.46 16.38
N CYS B 127 -9.17 0.37 17.04
CA CYS B 127 -10.42 0.75 16.39
C CYS B 127 -10.53 2.26 16.35
N GLU B 128 -10.93 2.76 15.19
CA GLU B 128 -11.14 4.19 15.02
C GLU B 128 -12.60 4.42 14.68
N PRO B 129 -13.09 5.64 14.95
CA PRO B 129 -14.43 6.05 14.52
C PRO B 129 -14.52 6.07 13.00
N PRO B 130 -15.73 5.86 12.45
CA PRO B 130 -15.95 5.94 11.01
C PRO B 130 -15.53 7.29 10.44
N GLU B 131 -15.01 7.29 9.22
CA GLU B 131 -14.74 8.52 8.49
C GLU B 131 -16.02 9.34 8.36
N VAL B 132 -15.87 10.64 8.13
CA VAL B 132 -17.03 11.52 7.92
C VAL B 132 -17.86 11.01 6.74
N GLY B 133 -19.17 10.87 6.96
CA GLY B 133 -20.03 10.36 5.92
C GLY B 133 -19.93 8.85 5.75
N SER B 134 -19.64 8.15 6.85
CA SER B 134 -19.63 6.70 6.87
C SER B 134 -20.25 6.20 8.19
N ASP B 135 -20.92 5.06 8.13
CA ASP B 135 -21.59 4.50 9.31
C ASP B 135 -20.81 3.37 9.95
N CYS B 136 -19.71 2.97 9.33
CA CYS B 136 -18.89 1.89 9.86
C CYS B 136 -17.42 2.19 9.73
N THR B 137 -16.61 1.38 10.40
CA THR B 137 -15.16 1.48 10.26
C THR B 137 -14.68 0.36 9.35
N THR B 138 -13.73 0.67 8.48
CA THR B 138 -13.26 -0.32 7.52
C THR B 138 -11.77 -0.61 7.74
N ILE B 139 -11.42 -1.89 7.85
CA ILE B 139 -10.03 -2.31 7.95
C ILE B 139 -9.65 -2.90 6.61
N HIS B 140 -8.44 -2.62 6.12
CA HIS B 140 -7.97 -3.21 4.87
C HIS B 140 -6.97 -4.33 5.16
N TYR B 141 -7.36 -5.56 4.80
CA TYR B 141 -6.48 -6.71 5.01
C TYR B 141 -5.83 -7.15 3.72
N ASN B 142 -4.65 -7.75 3.82
CA ASN B 142 -4.02 -8.44 2.69
C ASN B 142 -3.73 -9.87 3.11
N TYR B 143 -4.00 -10.82 2.22
CA TYR B 143 -3.64 -12.21 2.45
C TYR B 143 -2.43 -12.54 1.57
N MET B 144 -1.39 -13.08 2.18
CA MET B 144 -0.08 -13.12 1.54
C MET B 144 0.35 -14.49 0.99
N CYS B 145 -0.57 -15.44 0.95
CA CYS B 145 -0.35 -16.71 0.26
C CYS B 145 -1.59 -17.09 -0.50
N TYR B 146 -1.44 -17.87 -1.57
CA TYR B 146 -2.61 -18.48 -2.22
C TYR B 146 -3.10 -19.62 -1.34
N SER B 147 -4.40 -19.90 -1.38
CA SER B 147 -4.94 -21.09 -0.71
C SER B 147 -4.23 -22.36 -1.17
N SER B 148 -3.74 -22.33 -2.40
CA SER B 148 -3.15 -23.51 -3.01
C SER B 148 -1.66 -23.66 -2.72
N CYS B 149 -1.04 -22.69 -2.05
CA CYS B 149 0.43 -22.71 -1.91
C CYS B 149 0.94 -24.01 -1.28
N MET B 150 1.86 -24.69 -1.96
CA MET B 150 2.43 -25.95 -1.48
CA MET B 150 2.34 -25.95 -1.44
C MET B 150 3.21 -25.73 -0.19
N GLY B 151 3.05 -26.60 0.79
CA GLY B 151 3.78 -26.48 2.02
C GLY B 151 3.21 -25.46 2.97
N GLY B 152 2.19 -24.73 2.53
CA GLY B 152 1.47 -23.79 3.38
C GLY B 152 0.04 -24.27 3.52
N MET B 153 -0.93 -23.43 3.15
CA MET B 153 -2.32 -23.83 3.21
C MET B 153 -2.60 -25.08 2.36
N ASN B 154 -1.91 -25.22 1.23
CA ASN B 154 -1.95 -26.49 0.48
C ASN B 154 -3.37 -26.94 0.16
N ARG B 155 -4.18 -26.02 -0.36
CA ARG B 155 -5.57 -26.24 -0.79
C ARG B 155 -6.55 -26.45 0.37
N ARG B 156 -6.10 -26.29 1.61
CA ARG B 156 -6.99 -26.43 2.76
C ARG B 156 -7.71 -25.12 3.04
N PRO B 157 -9.04 -25.17 3.17
CA PRO B 157 -9.81 -23.96 3.47
C PRO B 157 -9.47 -23.38 4.84
N ILE B 158 -9.45 -22.05 4.93
CA ILE B 158 -9.23 -21.38 6.21
C ILE B 158 -10.40 -20.48 6.57
N LEU B 159 -10.47 -20.12 7.84
CA LEU B 159 -11.39 -19.12 8.32
C LEU B 159 -10.56 -17.98 8.86
N THR B 160 -11.03 -16.75 8.68
CA THR B 160 -10.51 -15.62 9.44
C THR B 160 -11.45 -15.34 10.60
N ILE B 161 -10.89 -15.26 11.80
CA ILE B 161 -11.65 -14.88 12.99
C ILE B 161 -11.31 -13.45 13.33
N ILE B 162 -12.33 -12.59 13.39
CA ILE B 162 -12.14 -11.20 13.77
C ILE B 162 -12.65 -11.03 15.19
N THR B 163 -11.79 -10.51 16.07
CA THR B 163 -12.21 -10.28 17.44
CA THR B 163 -12.15 -10.29 17.46
C THR B 163 -12.08 -8.82 17.83
N LEU B 164 -13.13 -8.32 18.46
CA LEU B 164 -13.13 -6.99 19.04
C LEU B 164 -12.66 -7.19 20.47
N GLU B 165 -11.65 -6.39 20.89
CA GLU B 165 -10.96 -6.59 22.16
C GLU B 165 -10.87 -5.30 22.95
N ASP B 166 -10.86 -5.39 24.27
CA ASP B 166 -10.49 -4.19 25.04
C ASP B 166 -8.96 -4.03 25.05
N SER B 167 -8.48 -3.02 25.75
CA SER B 167 -7.05 -2.70 25.72
C SER B 167 -6.16 -3.74 26.40
N SER B 168 -6.76 -4.62 27.21
CA SER B 168 -6.03 -5.75 27.80
C SER B 168 -6.07 -6.98 26.91
N GLY B 169 -6.89 -6.94 25.87
CA GLY B 169 -7.02 -8.08 24.97
C GLY B 169 -8.18 -9.01 25.32
N ASN B 170 -9.00 -8.60 26.29
CA ASN B 170 -10.20 -9.37 26.63
C ASN B 170 -11.24 -9.28 25.53
N LEU B 171 -11.96 -10.37 25.33
CA LEU B 171 -12.96 -10.46 24.26
C LEU B 171 -14.14 -9.53 24.48
N LEU B 172 -14.49 -8.77 23.44
CA LEU B 172 -15.71 -7.96 23.44
C LEU B 172 -16.71 -8.47 22.40
N GLY B 173 -16.21 -9.05 21.32
CA GLY B 173 -17.05 -9.49 20.22
C GLY B 173 -16.25 -10.37 19.28
N ARG B 174 -16.95 -11.22 18.54
CA ARG B 174 -16.29 -12.15 17.63
C ARG B 174 -17.13 -12.39 16.38
N ASP B 175 -16.49 -12.49 15.23
CA ASP B 175 -17.19 -12.84 13.99
C ASP B 175 -16.18 -13.58 13.14
N SER B 176 -16.61 -14.18 12.04
CA SER B 176 -15.66 -14.97 11.26
C SER B 176 -16.20 -15.15 9.85
N PHE B 177 -15.31 -15.54 8.93
CA PHE B 177 -15.67 -15.80 7.55
C PHE B 177 -14.63 -16.70 6.93
N GLU B 178 -15.07 -17.51 5.97
CA GLU B 178 -14.15 -18.35 5.24
C GLU B 178 -13.41 -17.50 4.22
N VAL B 179 -12.17 -17.87 3.86
CA VAL B 179 -11.41 -17.14 2.85
C VAL B 179 -10.81 -18.09 1.86
N ARG B 180 -10.86 -17.71 0.59
CA ARG B 180 -10.10 -18.37 -0.46
C ARG B 180 -9.28 -17.33 -1.18
N VAL B 181 -7.97 -17.53 -1.20
CA VAL B 181 -7.06 -16.63 -1.89
C VAL B 181 -6.74 -17.30 -3.20
N CYS B 182 -7.13 -16.67 -4.30
CA CYS B 182 -7.08 -17.34 -5.60
C CYS B 182 -6.82 -16.35 -6.73
N ALA B 183 -6.59 -16.87 -7.93
CA ALA B 183 -6.28 -16.03 -9.08
C ALA B 183 -7.51 -15.28 -9.59
N CYS B 184 -8.66 -15.95 -9.60
CA CYS B 184 -9.87 -15.37 -10.16
CA CYS B 184 -9.87 -15.33 -10.14
C CYS B 184 -11.03 -15.45 -9.17
N PRO B 185 -11.08 -14.52 -8.21
CA PRO B 185 -12.14 -14.48 -7.18
C PRO B 185 -13.56 -14.48 -7.76
N GLY B 186 -13.79 -13.70 -8.81
CA GLY B 186 -15.13 -13.58 -9.38
C GLY B 186 -15.61 -14.91 -9.93
N ARG B 187 -14.74 -15.55 -10.69
CA ARG B 187 -15.05 -16.84 -11.28
C ARG B 187 -15.29 -17.89 -10.20
N ASP B 188 -14.41 -17.92 -9.20
CA ASP B 188 -14.50 -18.94 -8.18
C ASP B 188 -15.73 -18.74 -7.28
N ARG B 189 -16.08 -17.49 -7.01
CA ARG B 189 -17.29 -17.25 -6.23
C ARG B 189 -18.50 -17.76 -7.02
N ARG B 190 -18.57 -17.42 -8.30
CA ARG B 190 -19.69 -17.89 -9.12
C ARG B 190 -19.80 -19.40 -9.14
N THR B 191 -18.68 -20.08 -9.37
CA THR B 191 -18.63 -21.54 -9.34
C THR B 191 -19.15 -22.13 -8.03
N GLU B 192 -18.58 -21.70 -6.90
CA GLU B 192 -18.95 -22.26 -5.61
C GLU B 192 -20.40 -21.96 -5.23
N GLU B 193 -20.92 -20.81 -5.66
CA GLU B 193 -22.31 -20.48 -5.38
C GLU B 193 -23.24 -21.32 -6.27
N GLU B 194 -22.80 -21.58 -7.49
CA GLU B 194 -23.53 -22.48 -8.38
C GLU B 194 -23.57 -23.89 -7.78
N ASN B 195 -22.43 -24.34 -7.29
CA ASN B 195 -22.35 -25.63 -6.61
C ASN B 195 -23.31 -25.73 -5.44
N LEU B 196 -23.44 -24.64 -4.69
CA LEU B 196 -24.29 -24.63 -3.51
C LEU B 196 -25.75 -24.84 -3.87
N ARG B 197 -26.18 -24.29 -5.01
CA ARG B 197 -27.54 -24.52 -5.47
C ARG B 197 -27.62 -25.72 -6.42
ZN ZN C . 20.29 4.07 -15.75
ZN ZN D . 2.64 -19.02 -0.46
C1 PEG E . -23.23 -8.44 -5.15
O1 PEG E . -21.86 -8.72 -4.92
C2 PEG E . -23.45 -7.91 -6.57
O2 PEG E . -23.74 -6.54 -6.51
C3 PEG E . -23.52 -5.86 -7.71
C4 PEG E . -22.29 -4.96 -7.60
O4 PEG E . -21.69 -4.84 -8.86
N1 RZH F . -16.45 5.58 17.47
C1 RZH F . -16.95 3.57 16.58
C2 RZH F . -15.98 4.26 17.34
C3 RZH F . -18.03 4.50 16.26
C4 RZH F . -17.68 5.75 16.82
C5 RZH F . -14.80 3.66 17.82
C6 RZH F . -16.74 2.23 16.29
C7 RZH F . -14.63 2.31 17.50
C8 RZH F . -15.58 1.61 16.75
BR RZH F . -15.32 -0.28 16.33
C9 RZH F . -19.29 4.19 15.45
C10 RZH F . -18.49 7.02 16.76
N2 RZH F . -21.52 3.26 15.46
C11 RZH F . -13.76 4.42 18.63
C12 RZH F . -20.44 3.73 16.32
C13 RZH F . -13.14 3.49 19.66
#